data_6EVS
#
_entry.id   6EVS
#
_cell.length_a   107.547
_cell.length_b   107.547
_cell.length_c   61.244
_cell.angle_alpha   90.00
_cell.angle_beta   90.00
_cell.angle_gamma   120.00
#
_symmetry.space_group_name_H-M   'H 3'
#
loop_
_entity.id
_entity.type
_entity.pdbx_description
1 polymer N-deoxyribosyltransferase
2 water water
#
_entity_poly.entity_id   1
_entity_poly.type   'polypeptide(L)'
_entity_poly.pdbx_seq_one_letter_code
;MAKIYLASPFFNEEQLKHVSKAEQVLRDLGHTVFSPRENQLPEVEFGSFEWRTFVFKNDLEHIKWADITFGIIGDNYDDT
GTAWELGASYILGKPVMLFSPTGEIINLMITDSLHAYFEDWNDVENYDFATLPIKPYLKAVK
;
_entity_poly.pdbx_strand_id   A,B
#
# COMPACT_ATOMS: atom_id res chain seq x y z
N ALA A 2 9.02 -22.41 2.20
CA ALA A 2 7.91 -21.61 1.71
C ALA A 2 8.34 -20.78 0.50
N LYS A 3 7.39 -20.43 -0.37
CA LYS A 3 7.61 -19.43 -1.39
C LYS A 3 7.36 -18.05 -0.79
N ILE A 4 8.29 -17.13 -1.01
CA ILE A 4 8.26 -15.83 -0.34
C ILE A 4 8.40 -14.73 -1.37
N TYR A 5 7.48 -13.76 -1.33
CA TYR A 5 7.63 -12.54 -2.13
C TYR A 5 8.34 -11.49 -1.29
N LEU A 6 9.47 -10.98 -1.78
CA LEU A 6 10.26 -10.01 -0.99
C LEU A 6 9.82 -8.61 -1.42
N ALA A 7 8.98 -7.97 -0.60
CA ALA A 7 8.50 -6.62 -0.89
C ALA A 7 9.41 -5.58 -0.24
N SER A 8 10.12 -4.82 -1.07
CA SER A 8 11.02 -3.79 -0.56
C SER A 8 11.43 -2.85 -1.69
N PRO A 9 11.70 -1.57 -1.41
CA PRO A 9 12.37 -0.74 -2.41
C PRO A 9 13.78 -1.27 -2.66
N PHE A 10 14.38 -0.86 -3.78
CA PHE A 10 15.73 -1.29 -4.12
C PHE A 10 16.39 -0.24 -4.99
N PHE A 11 16.24 1.03 -4.60
CA PHE A 11 16.52 2.15 -5.49
C PHE A 11 17.75 2.95 -5.09
N ASN A 12 18.31 2.73 -3.90
CA ASN A 12 19.59 3.34 -3.52
C ASN A 12 20.39 2.28 -2.77
N GLU A 13 21.62 2.65 -2.42
CA GLU A 13 22.56 1.68 -1.87
C GLU A 13 22.07 1.06 -0.58
N GLU A 14 21.42 1.85 0.27
CA GLU A 14 20.97 1.36 1.58
C GLU A 14 19.82 0.37 1.43
N GLN A 15 18.84 0.72 0.61
CA GLN A 15 17.74 -0.22 0.38
C GLN A 15 18.27 -1.50 -0.26
N LEU A 16 19.21 -1.37 -1.19
CA LEU A 16 19.79 -2.56 -1.82
C LEU A 16 20.53 -3.43 -0.81
N LYS A 17 21.20 -2.81 0.16
CA LYS A 17 21.87 -3.59 1.19
C LYS A 17 20.88 -4.48 1.95
N HIS A 18 19.75 -3.90 2.38
CA HIS A 18 18.78 -4.66 3.16
C HIS A 18 18.13 -5.76 2.31
N VAL A 19 17.83 -5.48 1.04
CA VAL A 19 17.26 -6.50 0.16
C VAL A 19 18.23 -7.66 0.00
N SER A 20 19.50 -7.36 -0.19
CA SER A 20 20.53 -8.39 -0.37
C SER A 20 20.63 -9.30 0.86
N LYS A 21 20.60 -8.71 2.05
CA LYS A 21 20.66 -9.51 3.26
C LYS A 21 19.41 -10.37 3.40
N ALA A 22 18.24 -9.80 3.05
CA ALA A 22 17.00 -10.57 3.11
C ALA A 22 17.05 -11.75 2.16
N GLU A 23 17.50 -11.52 0.92
CA GLU A 23 17.64 -12.61 -0.04
C GLU A 23 18.54 -13.72 0.52
N GLN A 24 19.70 -13.33 1.05
CA GLN A 24 20.65 -14.31 1.57
C GLN A 24 20.08 -15.07 2.76
N VAL A 25 19.45 -14.36 3.70
CA VAL A 25 18.95 -15.03 4.89
C VAL A 25 17.82 -15.99 4.54
N LEU A 26 16.85 -15.52 3.76
CA LEU A 26 15.69 -16.35 3.49
C LEU A 26 16.04 -17.52 2.59
N ARG A 27 16.99 -17.33 1.67
CA ARG A 27 17.37 -18.41 0.76
C ARG A 27 18.26 -19.43 1.46
N ASP A 28 19.11 -18.99 2.38
CA ASP A 28 19.91 -19.93 3.16
C ASP A 28 19.04 -20.77 4.08
N LEU A 29 17.86 -20.30 4.41
CA LEU A 29 16.90 -21.10 5.17
C LEU A 29 16.17 -22.10 4.30
N GLY A 30 16.44 -22.13 2.99
CA GLY A 30 15.81 -23.07 2.09
C GLY A 30 14.58 -22.57 1.37
N HIS A 31 14.20 -21.31 1.58
CA HIS A 31 12.98 -20.80 0.98
C HIS A 31 13.21 -20.39 -0.47
N THR A 32 12.13 -20.37 -1.24
CA THR A 32 12.16 -19.92 -2.63
C THR A 32 11.68 -18.47 -2.64
N VAL A 33 12.58 -17.55 -2.96
CA VAL A 33 12.33 -16.13 -2.81
C VAL A 33 12.23 -15.50 -4.19
N PHE A 34 11.11 -14.80 -4.45
CA PHE A 34 11.03 -13.93 -5.62
C PHE A 34 11.45 -12.53 -5.20
N SER A 35 12.52 -12.02 -5.81
CA SER A 35 13.07 -10.72 -5.44
C SER A 35 12.89 -9.77 -6.62
N PRO A 36 12.02 -8.77 -6.51
CA PRO A 36 11.67 -7.95 -7.68
C PRO A 36 12.87 -7.34 -8.39
N ARG A 37 13.96 -7.06 -7.68
CA ARG A 37 15.12 -6.43 -8.31
C ARG A 37 15.82 -7.36 -9.29
N GLU A 38 15.66 -8.69 -9.12
CA GLU A 38 16.21 -9.66 -10.06
C GLU A 38 15.31 -9.88 -11.25
N ASN A 39 14.19 -9.16 -11.32
CA ASN A 39 13.15 -9.39 -12.32
C ASN A 39 12.73 -8.09 -12.96
N GLN A 40 13.73 -7.29 -13.33
CA GLN A 40 13.52 -6.05 -14.06
C GLN A 40 13.44 -6.28 -15.55
N LEU A 41 13.51 -7.55 -15.98
CA LEU A 41 13.15 -8.07 -17.30
C LEU A 41 14.24 -7.77 -18.32
N PRO A 42 14.84 -8.80 -18.95
CA PRO A 42 16.05 -8.60 -19.75
C PRO A 42 15.92 -8.93 -21.24
N GLU A 43 15.62 -7.94 -22.08
CA GLU A 43 15.25 -6.60 -21.63
C GLU A 43 14.32 -5.93 -22.63
N VAL A 44 13.03 -6.04 -22.34
CA VAL A 44 12.08 -5.08 -22.89
C VAL A 44 12.60 -3.69 -22.57
N GLU A 45 12.41 -2.75 -23.51
CA GLU A 45 12.90 -1.39 -23.31
C GLU A 45 12.45 -0.84 -21.96
N PHE A 46 13.42 -0.36 -21.19
CA PHE A 46 13.10 0.17 -19.86
C PHE A 46 12.11 1.31 -19.96
N GLY A 47 11.12 1.31 -19.07
CA GLY A 47 10.16 2.40 -19.00
C GLY A 47 9.13 2.44 -20.10
N SER A 48 9.21 1.55 -21.09
CA SER A 48 8.16 1.47 -22.09
C SER A 48 6.84 1.02 -21.45
N PHE A 49 5.74 1.20 -22.19
CA PHE A 49 4.46 0.65 -21.73
C PHE A 49 4.53 -0.86 -21.58
N GLU A 50 5.15 -1.54 -22.54
CA GLU A 50 5.34 -2.99 -22.41
C GLU A 50 6.07 -3.34 -21.11
N TRP A 51 7.16 -2.60 -20.80
CA TRP A 51 7.94 -2.89 -19.61
C TRP A 51 7.14 -2.62 -18.34
N ARG A 52 6.43 -1.49 -18.28
CA ARG A 52 5.60 -1.19 -17.11
C ARG A 52 4.52 -2.26 -16.91
N THR A 53 3.93 -2.74 -18.00
CA THR A 53 2.86 -3.74 -17.90
C THR A 53 3.42 -5.06 -17.41
N PHE A 54 4.50 -5.54 -18.03
CA PHE A 54 5.02 -6.86 -17.67
C PHE A 54 5.54 -6.88 -16.24
N VAL A 55 6.20 -5.82 -15.81
CA VAL A 55 6.72 -5.78 -14.45
C VAL A 55 5.58 -5.84 -13.44
N PHE A 56 4.57 -4.98 -13.63
CA PHE A 56 3.40 -5.01 -12.77
C PHE A 56 2.78 -6.40 -12.74
N LYS A 57 2.52 -6.96 -13.92
CA LYS A 57 1.84 -8.25 -14.00
C LYS A 57 2.70 -9.35 -13.40
N ASN A 58 4.01 -9.33 -13.67
CA ASN A 58 4.86 -10.39 -13.14
C ASN A 58 4.96 -10.28 -11.63
N ASP A 59 5.06 -9.05 -11.11
CA ASP A 59 5.16 -8.84 -9.67
C ASP A 59 3.91 -9.34 -8.96
N LEU A 60 2.74 -8.85 -9.41
CA LEU A 60 1.47 -9.26 -8.82
C LEU A 60 1.28 -10.77 -8.91
N GLU A 61 1.56 -11.38 -10.07
CA GLU A 61 1.45 -12.83 -10.18
C GLU A 61 2.36 -13.52 -9.17
N HIS A 62 3.53 -12.95 -8.86
CA HIS A 62 4.40 -13.62 -7.89
C HIS A 62 3.98 -13.35 -6.45
N ILE A 63 3.23 -12.29 -6.19
CA ILE A 63 2.58 -12.19 -4.89
C ILE A 63 1.54 -13.29 -4.74
N LYS A 64 0.78 -13.53 -5.82
CA LYS A 64 -0.24 -14.58 -5.81
C LYS A 64 0.39 -15.97 -5.69
N TRP A 65 1.55 -16.18 -6.34
CA TRP A 65 2.26 -17.45 -6.27
C TRP A 65 2.86 -17.72 -4.89
N ALA A 66 3.20 -16.67 -4.15
CA ALA A 66 3.92 -16.80 -2.89
C ALA A 66 3.00 -17.34 -1.79
N ASP A 67 3.61 -18.06 -0.83
CA ASP A 67 2.95 -18.43 0.43
C ASP A 67 2.90 -17.26 1.40
N ILE A 68 3.95 -16.44 1.40
CA ILE A 68 4.19 -15.42 2.41
C ILE A 68 4.78 -14.21 1.69
N THR A 69 4.36 -13.02 2.08
CA THR A 69 4.99 -11.79 1.64
C THR A 69 5.86 -11.23 2.77
N PHE A 70 7.16 -11.10 2.51
CA PHE A 70 8.13 -10.59 3.49
C PHE A 70 8.52 -9.18 3.07
N GLY A 71 8.18 -8.20 3.91
CA GLY A 71 8.37 -6.80 3.57
C GLY A 71 9.51 -6.20 4.36
N ILE A 72 10.15 -5.17 3.79
CA ILE A 72 11.17 -4.39 4.50
C ILE A 72 10.70 -2.94 4.51
N ILE A 73 10.46 -2.40 5.70
CA ILE A 73 9.99 -1.03 5.85
C ILE A 73 10.97 -0.35 6.78
N GLY A 74 11.58 0.72 6.30
CA GLY A 74 12.58 1.45 7.07
C GLY A 74 12.31 2.94 7.03
N ASP A 75 13.41 3.69 6.94
CA ASP A 75 13.45 5.16 7.00
C ASP A 75 13.45 5.76 5.61
N ASN A 76 12.59 5.28 4.72
CA ASN A 76 12.90 5.32 3.30
C ASN A 76 12.18 6.41 2.54
N TYR A 77 11.06 6.91 3.08
CA TYR A 77 10.06 7.66 2.31
C TYR A 77 10.00 7.26 0.82
N ASP A 78 10.35 5.99 0.54
CA ASP A 78 10.27 5.38 -0.77
C ASP A 78 9.44 4.11 -0.71
N ASP A 79 8.66 3.94 0.34
CA ASP A 79 8.00 2.69 0.65
C ASP A 79 6.62 2.59 -0.01
N THR A 80 6.35 3.43 -1.01
CA THR A 80 5.01 3.51 -1.59
C THR A 80 4.61 2.19 -2.25
N GLY A 81 5.43 1.69 -3.16
CA GLY A 81 5.09 0.43 -3.82
C GLY A 81 5.11 -0.73 -2.85
N THR A 82 6.08 -0.73 -1.92
CA THR A 82 6.10 -1.80 -0.91
C THR A 82 4.83 -1.79 -0.09
N ALA A 83 4.42 -0.61 0.38
CA ALA A 83 3.19 -0.50 1.17
C ALA A 83 1.98 -1.01 0.37
N TRP A 84 1.92 -0.65 -0.92
CA TRP A 84 0.87 -1.16 -1.81
C TRP A 84 0.89 -2.68 -1.87
N GLU A 85 2.08 -3.26 -1.99
CA GLU A 85 2.18 -4.72 -2.08
C GLU A 85 1.78 -5.40 -0.78
N LEU A 86 2.02 -4.77 0.37
CA LEU A 86 1.55 -5.39 1.62
C LEU A 86 0.03 -5.30 1.74
N GLY A 87 -0.58 -4.20 1.30
CA GLY A 87 -2.04 -4.13 1.30
C GLY A 87 -2.67 -5.15 0.37
N ALA A 88 -2.15 -5.26 -0.86
CA ALA A 88 -2.61 -6.32 -1.74
C ALA A 88 -2.44 -7.69 -1.11
N SER A 89 -1.25 -7.95 -0.56
CA SER A 89 -0.97 -9.26 0.07
C SER A 89 -1.99 -9.60 1.13
N TYR A 90 -2.30 -8.64 1.99
CA TYR A 90 -3.25 -8.87 3.08
C TYR A 90 -4.61 -9.29 2.53
N ILE A 91 -5.15 -8.56 1.54
CA ILE A 91 -6.42 -8.97 0.97
C ILE A 91 -6.29 -10.34 0.28
N LEU A 92 -5.15 -10.62 -0.34
CA LEU A 92 -4.98 -11.92 -0.99
C LEU A 92 -4.81 -13.05 0.01
N GLY A 93 -4.80 -12.75 1.31
CA GLY A 93 -4.70 -13.79 2.32
C GLY A 93 -3.31 -14.35 2.51
N LYS A 94 -2.27 -13.61 2.05
CA LYS A 94 -0.90 -14.03 2.28
C LYS A 94 -0.45 -13.53 3.64
N PRO A 95 0.05 -14.40 4.54
CA PRO A 95 0.62 -13.90 5.80
C PRO A 95 1.73 -12.90 5.50
N VAL A 96 1.70 -11.77 6.19
CA VAL A 96 2.70 -10.72 5.99
C VAL A 96 3.72 -10.77 7.12
N MET A 97 4.99 -10.90 6.76
CA MET A 97 6.09 -10.70 7.68
C MET A 97 6.79 -9.39 7.36
N LEU A 98 7.22 -8.68 8.39
CA LEU A 98 7.79 -7.35 8.19
C LEU A 98 9.09 -7.24 8.99
N PHE A 99 10.10 -6.67 8.34
CA PHE A 99 11.39 -6.40 8.95
C PHE A 99 11.62 -4.89 8.90
N SER A 100 11.95 -4.29 10.03
CA SER A 100 12.21 -2.85 10.03
C SER A 100 13.66 -2.60 10.44
N PRO A 101 14.52 -2.11 9.55
CA PRO A 101 15.92 -1.86 9.93
C PRO A 101 16.09 -0.76 10.98
N THR A 102 15.07 0.08 11.18
CA THR A 102 15.18 1.24 12.06
C THR A 102 14.46 1.07 13.39
N GLY A 103 13.43 0.23 13.46
CA GLY A 103 12.65 0.12 14.68
C GLY A 103 11.79 1.32 14.99
N GLU A 104 11.50 2.16 14.00
CA GLU A 104 10.68 3.34 14.23
C GLU A 104 9.19 2.99 14.23
N ILE A 105 8.35 4.01 14.44
CA ILE A 105 6.90 3.82 14.46
C ILE A 105 6.40 3.63 13.04
N ILE A 106 5.48 2.68 12.87
CA ILE A 106 4.96 2.31 11.57
C ILE A 106 3.46 2.58 11.52
N ASN A 107 2.97 3.01 10.35
CA ASN A 107 1.55 3.27 10.12
C ASN A 107 0.71 2.10 10.62
N LEU A 108 -0.44 2.41 11.24
CA LEU A 108 -1.26 1.35 11.82
C LEU A 108 -1.97 0.48 10.78
N MET A 109 -2.12 0.96 9.55
CA MET A 109 -2.68 0.02 8.56
C MET A 109 -1.72 -1.13 8.30
N ILE A 110 -0.41 -0.86 8.38
CA ILE A 110 0.59 -1.91 8.19
C ILE A 110 0.77 -2.75 9.45
N THR A 111 0.94 -2.10 10.61
CA THR A 111 1.17 -2.87 11.84
C THR A 111 -0.02 -3.75 12.21
N ASP A 112 -1.23 -3.31 11.89
CA ASP A 112 -2.42 -4.11 12.22
C ASP A 112 -2.72 -5.18 11.18
N SER A 113 -1.92 -5.25 10.11
CA SER A 113 -2.07 -6.21 9.02
C SER A 113 -0.99 -7.26 8.98
N LEU A 114 0.02 -7.16 9.83
CA LEU A 114 1.15 -8.07 9.72
C LEU A 114 0.90 -9.27 10.62
N HIS A 115 1.53 -10.38 10.28
CA HIS A 115 1.44 -11.55 11.13
C HIS A 115 2.67 -11.73 12.00
N ALA A 116 3.84 -11.33 11.52
CA ALA A 116 5.07 -11.44 12.29
C ALA A 116 5.95 -10.24 12.01
N TYR A 117 6.53 -9.69 13.07
CA TYR A 117 7.33 -8.48 13.00
C TYR A 117 8.72 -8.78 13.56
N PHE A 118 9.76 -8.35 12.83
CA PHE A 118 11.15 -8.63 13.17
C PHE A 118 11.97 -7.34 13.14
N GLU A 119 12.93 -7.25 14.07
CA GLU A 119 13.93 -6.19 14.03
C GLU A 119 15.35 -6.72 14.03
N ASP A 120 15.55 -8.04 13.99
CA ASP A 120 16.89 -8.61 13.92
C ASP A 120 16.84 -9.83 13.03
N TRP A 121 17.90 -10.07 12.27
CA TRP A 121 17.86 -11.19 11.34
C TRP A 121 17.96 -12.53 12.07
N ASN A 122 18.63 -12.57 13.24
CA ASN A 122 18.68 -13.85 13.96
C ASN A 122 17.28 -14.27 14.42
N ASP A 123 16.40 -13.31 14.69
CA ASP A 123 15.02 -13.66 15.02
C ASP A 123 14.31 -14.28 13.82
N VAL A 124 14.58 -13.76 12.62
CA VAL A 124 14.05 -14.38 11.40
C VAL A 124 14.66 -15.76 11.21
N GLU A 125 15.94 -15.92 11.56
CA GLU A 125 16.60 -17.20 11.34
C GLU A 125 16.04 -18.29 12.24
N ASN A 126 15.49 -17.92 13.40
CA ASN A 126 14.91 -18.88 14.33
C ASN A 126 13.40 -19.01 14.21
N TYR A 127 12.75 -18.19 13.40
CA TYR A 127 11.30 -18.24 13.23
C TYR A 127 10.85 -19.58 12.65
N ASP A 128 9.75 -20.13 13.16
CA ASP A 128 9.21 -21.39 12.66
C ASP A 128 8.26 -21.08 11.50
N PHE A 129 8.78 -21.16 10.28
CA PHE A 129 7.98 -20.90 9.09
C PHE A 129 6.90 -21.97 8.88
N ALA A 130 7.15 -23.20 9.35
CA ALA A 130 6.20 -24.28 9.15
C ALA A 130 4.89 -24.01 9.88
N THR A 131 4.96 -23.63 11.16
CA THR A 131 3.77 -23.41 11.98
C THR A 131 3.30 -21.95 11.95
N LEU A 132 4.16 -21.02 11.55
CA LEU A 132 3.80 -19.61 11.40
C LEU A 132 3.18 -19.02 12.67
N PRO A 133 3.91 -19.03 13.79
CA PRO A 133 3.35 -18.46 15.01
C PRO A 133 3.19 -16.95 14.87
N ILE A 134 2.23 -16.42 15.61
CA ILE A 134 1.99 -14.98 15.55
C ILE A 134 3.09 -14.27 16.31
N LYS A 135 3.55 -13.13 15.79
CA LYS A 135 4.66 -12.38 16.40
C LYS A 135 4.33 -10.92 16.20
N PRO A 136 3.41 -10.38 16.99
CA PRO A 136 2.81 -9.09 16.66
C PRO A 136 3.72 -7.91 16.98
N TYR A 137 3.41 -6.80 16.31
CA TYR A 137 4.04 -5.51 16.56
C TYR A 137 3.50 -4.94 17.87
N LEU A 138 4.38 -4.72 18.83
CA LEU A 138 3.94 -4.27 20.15
C LEU A 138 4.77 -3.09 20.64
N ALA B 2 -22.26 7.49 -5.81
CA ALA B 2 -21.54 6.33 -5.32
C ALA B 2 -21.12 6.51 -3.86
N LYS B 3 -20.65 5.43 -3.26
CA LYS B 3 -20.00 5.47 -1.96
C LYS B 3 -18.49 5.46 -2.19
N ILE B 4 -17.80 6.46 -1.63
CA ILE B 4 -16.38 6.67 -1.89
C ILE B 4 -15.63 6.63 -0.56
N TYR B 5 -14.53 5.87 -0.54
CA TYR B 5 -13.57 5.90 0.57
C TYR B 5 -12.46 6.88 0.23
N LEU B 6 -12.28 7.90 1.06
CA LEU B 6 -11.24 8.92 0.81
C LEU B 6 -9.95 8.46 1.47
N ALA B 7 -9.00 7.99 0.66
CA ALA B 7 -7.71 7.52 1.15
C ALA B 7 -6.70 8.65 1.03
N SER B 8 -6.30 9.24 2.17
CA SER B 8 -5.32 10.32 2.16
C SER B 8 -4.82 10.54 3.58
N PRO B 9 -3.57 10.96 3.77
CA PRO B 9 -3.16 11.44 5.09
C PRO B 9 -3.89 12.73 5.42
N PHE B 10 -3.85 13.12 6.69
CA PHE B 10 -4.58 14.32 7.11
C PHE B 10 -3.90 14.94 8.32
N PHE B 11 -2.57 15.09 8.27
CA PHE B 11 -1.81 15.44 9.45
C PHE B 11 -1.10 16.79 9.38
N ASN B 12 -1.01 17.42 8.22
CA ASN B 12 -0.44 18.76 8.11
C ASN B 12 -1.37 19.64 7.28
N GLU B 13 -1.00 20.92 7.17
CA GLU B 13 -1.91 21.90 6.56
C GLU B 13 -2.19 21.58 5.10
N GLU B 14 -1.16 21.20 4.33
CA GLU B 14 -1.38 20.94 2.91
C GLU B 14 -2.18 19.68 2.69
N GLN B 15 -1.93 18.63 3.48
CA GLN B 15 -2.74 17.42 3.38
C GLN B 15 -4.19 17.72 3.71
N LEU B 16 -4.43 18.55 4.70
CA LEU B 16 -5.80 18.89 5.08
C LEU B 16 -6.49 19.73 4.01
N LYS B 17 -5.75 20.63 3.36
CA LYS B 17 -6.28 21.37 2.23
C LYS B 17 -6.83 20.42 1.17
N HIS B 18 -6.04 19.41 0.80
CA HIS B 18 -6.45 18.51 -0.27
C HIS B 18 -7.62 17.61 0.15
N VAL B 19 -7.58 17.06 1.37
CA VAL B 19 -8.68 16.24 1.86
C VAL B 19 -9.96 17.06 1.93
N SER B 20 -9.89 18.26 2.51
CA SER B 20 -11.05 19.12 2.62
C SER B 20 -11.67 19.40 1.25
N LYS B 21 -10.84 19.75 0.27
CA LYS B 21 -11.35 19.98 -1.08
C LYS B 21 -12.00 18.72 -1.65
N ALA B 22 -11.35 17.57 -1.48
CA ALA B 22 -11.91 16.33 -2.02
C ALA B 22 -13.25 16.00 -1.36
N GLU B 23 -13.35 16.16 -0.04
CA GLU B 23 -14.64 16.02 0.61
C GLU B 23 -15.67 16.93 -0.04
N GLN B 24 -15.28 18.17 -0.30
CA GLN B 24 -16.21 19.18 -0.79
C GLN B 24 -16.65 18.87 -2.23
N VAL B 25 -15.69 18.60 -3.11
CA VAL B 25 -16.02 18.33 -4.51
C VAL B 25 -16.92 17.10 -4.62
N LEU B 26 -16.51 15.99 -3.98
CA LEU B 26 -17.23 14.74 -4.17
C LEU B 26 -18.62 14.81 -3.54
N ARG B 27 -18.72 15.33 -2.32
CA ARG B 27 -20.03 15.44 -1.67
C ARG B 27 -20.95 16.39 -2.43
N ASP B 28 -20.41 17.49 -2.95
CA ASP B 28 -21.23 18.40 -3.74
C ASP B 28 -21.75 17.74 -5.01
N LEU B 29 -21.12 16.64 -5.43
CA LEU B 29 -21.61 15.86 -6.57
C LEU B 29 -22.68 14.86 -6.18
N GLY B 30 -22.97 14.71 -4.90
CA GLY B 30 -23.97 13.78 -4.44
C GLY B 30 -23.44 12.45 -3.95
N HIS B 31 -22.13 12.31 -3.82
CA HIS B 31 -21.54 11.04 -3.40
C HIS B 31 -21.45 10.98 -1.87
N THR B 32 -21.52 9.75 -1.35
CA THR B 32 -21.37 9.51 0.07
C THR B 32 -19.89 9.23 0.32
N VAL B 33 -19.22 10.12 1.05
CA VAL B 33 -17.78 10.06 1.22
C VAL B 33 -17.48 9.66 2.66
N PHE B 34 -16.71 8.59 2.83
CA PHE B 34 -16.18 8.24 4.14
C PHE B 34 -14.77 8.81 4.22
N SER B 35 -14.57 9.72 5.16
CA SER B 35 -13.29 10.40 5.33
C SER B 35 -12.76 10.07 6.71
N PRO B 36 -11.67 9.29 6.80
CA PRO B 36 -11.23 8.74 8.09
C PRO B 36 -10.98 9.79 9.17
N ARG B 37 -10.66 11.03 8.80
CA ARG B 37 -10.40 12.04 9.82
C ARG B 37 -11.65 12.43 10.61
N GLU B 38 -12.84 12.15 10.07
CA GLU B 38 -14.07 12.44 10.78
C GLU B 38 -14.50 11.32 11.71
N ASN B 39 -13.75 10.21 11.76
CA ASN B 39 -14.09 9.05 12.57
C ASN B 39 -12.86 8.65 13.39
N GLN B 40 -12.55 9.45 14.42
CA GLN B 40 -11.40 9.22 15.28
C GLN B 40 -11.67 8.25 16.41
N LEU B 41 -12.89 7.70 16.50
CA LEU B 41 -13.33 6.75 17.52
C LEU B 41 -13.00 7.24 18.93
N PRO B 42 -13.65 8.32 19.40
CA PRO B 42 -13.41 8.78 20.76
C PRO B 42 -14.29 8.03 21.76
N GLU B 43 -14.38 6.71 21.62
CA GLU B 43 -15.04 5.86 22.59
C GLU B 43 -14.08 5.00 23.38
N VAL B 44 -12.87 4.80 22.88
CA VAL B 44 -11.85 4.06 23.60
C VAL B 44 -10.66 5.01 23.79
N GLU B 45 -9.63 4.56 24.48
CA GLU B 45 -8.46 5.40 24.75
C GLU B 45 -7.65 5.64 23.48
N PHE B 46 -7.49 6.91 23.10
CA PHE B 46 -6.64 7.26 21.98
C PHE B 46 -5.28 6.59 22.09
N GLY B 47 -4.87 5.91 21.02
CA GLY B 47 -3.55 5.33 20.92
C GLY B 47 -3.37 3.99 21.61
N SER B 48 -4.36 3.52 22.34
CA SER B 48 -4.25 2.19 22.92
C SER B 48 -4.18 1.15 21.79
N PHE B 49 -3.81 -0.08 22.18
CA PHE B 49 -3.94 -1.20 21.27
C PHE B 49 -5.38 -1.33 20.77
N GLU B 50 -6.35 -1.15 21.67
CA GLU B 50 -7.76 -1.23 21.29
C GLU B 50 -8.12 -0.17 20.26
N TRP B 51 -7.58 1.04 20.44
CA TRP B 51 -7.84 2.11 19.46
C TRP B 51 -7.25 1.78 18.11
N ARG B 52 -5.98 1.31 18.08
CA ARG B 52 -5.36 0.96 16.81
C ARG B 52 -6.16 -0.12 16.09
N THR B 53 -6.66 -1.08 16.86
CA THR B 53 -7.41 -2.20 16.29
C THR B 53 -8.71 -1.73 15.67
N PHE B 54 -9.45 -0.89 16.39
CA PHE B 54 -10.75 -0.42 15.89
C PHE B 54 -10.59 0.58 14.76
N VAL B 55 -9.55 1.41 14.77
CA VAL B 55 -9.35 2.29 13.63
C VAL B 55 -9.11 1.47 12.36
N PHE B 56 -8.21 0.50 12.45
CA PHE B 56 -7.96 -0.40 11.31
C PHE B 56 -9.25 -1.09 10.86
N LYS B 57 -10.00 -1.65 11.82
CA LYS B 57 -11.20 -2.42 11.45
C LYS B 57 -12.25 -1.52 10.82
N ASN B 58 -12.44 -0.32 11.37
CA ASN B 58 -13.46 0.57 10.81
C ASN B 58 -13.04 1.13 9.46
N ASP B 59 -11.74 1.39 9.26
CA ASP B 59 -11.27 1.89 7.96
C ASP B 59 -11.37 0.78 6.91
N LEU B 60 -10.81 -0.39 7.21
CA LEU B 60 -10.91 -1.53 6.30
C LEU B 60 -12.37 -1.84 5.97
N GLU B 61 -13.24 -1.85 6.98
N GLU B 61 -13.24 -1.89 6.99
CA GLU B 61 -14.65 -2.15 6.71
CA GLU B 61 -14.66 -2.10 6.74
C GLU B 61 -15.32 -1.06 5.87
C GLU B 61 -15.20 -1.09 5.75
N HIS B 62 -14.83 0.18 5.92
CA HIS B 62 -15.38 1.22 5.04
C HIS B 62 -14.78 1.17 3.63
N ILE B 63 -13.54 0.69 3.47
CA ILE B 63 -13.07 0.41 2.11
C ILE B 63 -13.97 -0.64 1.46
N LYS B 64 -14.30 -1.69 2.21
CA LYS B 64 -15.15 -2.77 1.66
C LYS B 64 -16.58 -2.28 1.39
N TRP B 65 -17.09 -1.39 2.24
CA TRP B 65 -18.40 -0.77 2.07
C TRP B 65 -18.44 0.16 0.85
N ALA B 66 -17.33 0.79 0.51
CA ALA B 66 -17.35 1.78 -0.55
C ALA B 66 -17.44 1.13 -1.93
N ASP B 67 -17.93 1.91 -2.90
CA ASP B 67 -17.92 1.48 -4.30
C ASP B 67 -16.58 1.78 -4.95
N ILE B 68 -15.97 2.91 -4.57
CA ILE B 68 -14.76 3.45 -5.17
C ILE B 68 -13.83 3.92 -4.06
N THR B 69 -12.53 3.72 -4.25
CA THR B 69 -11.51 4.31 -3.38
C THR B 69 -10.87 5.48 -4.11
N PHE B 70 -10.92 6.65 -3.49
CA PHE B 70 -10.38 7.88 -4.06
C PHE B 70 -9.17 8.27 -3.24
N GLY B 71 -7.99 8.18 -3.85
CA GLY B 71 -6.75 8.44 -3.17
C GLY B 71 -6.20 9.82 -3.47
N ILE B 72 -5.35 10.32 -2.56
CA ILE B 72 -4.61 11.56 -2.78
C ILE B 72 -3.16 11.31 -2.41
N ILE B 73 -2.26 11.51 -3.37
CA ILE B 73 -0.83 11.29 -3.20
C ILE B 73 -0.08 12.39 -3.94
N GLY B 74 0.78 13.11 -3.24
CA GLY B 74 1.58 14.14 -3.86
C GLY B 74 3.05 13.97 -3.60
N ASP B 75 3.65 14.93 -2.92
CA ASP B 75 5.03 14.84 -2.49
C ASP B 75 5.18 14.92 -0.99
N ASN B 76 4.08 15.04 -0.25
CA ASN B 76 4.11 14.85 1.18
C ASN B 76 4.27 13.36 1.43
N TYR B 77 5.52 12.92 1.42
CA TYR B 77 5.99 11.58 1.59
C TYR B 77 5.49 10.89 2.85
N ASP B 78 4.19 10.96 3.11
CA ASP B 78 3.55 10.24 4.22
C ASP B 78 2.54 9.21 3.71
N ASP B 79 2.78 8.71 2.50
CA ASP B 79 1.78 7.99 1.74
C ASP B 79 1.73 6.49 2.05
N THR B 80 2.30 6.04 3.18
CA THR B 80 2.40 4.59 3.39
C THR B 80 1.05 3.97 3.75
N GLY B 81 0.22 4.68 4.54
CA GLY B 81 -1.10 4.16 4.83
C GLY B 81 -2.02 4.24 3.63
N THR B 82 -1.96 5.35 2.90
CA THR B 82 -2.73 5.48 1.67
C THR B 82 -2.31 4.43 0.67
N ALA B 83 -1.00 4.25 0.47
CA ALA B 83 -0.55 3.22 -0.47
C ALA B 83 -1.12 1.85 -0.13
N TRP B 84 -1.03 1.47 1.15
CA TRP B 84 -1.61 0.21 1.63
C TRP B 84 -3.10 0.11 1.26
N GLU B 85 -3.87 1.17 1.53
CA GLU B 85 -5.29 1.12 1.24
C GLU B 85 -5.56 1.07 -0.25
N LEU B 86 -4.70 1.67 -1.09
CA LEU B 86 -4.90 1.54 -2.53
C LEU B 86 -4.65 0.12 -3.02
N GLY B 87 -3.58 -0.50 -2.52
CA GLY B 87 -3.33 -1.91 -2.83
C GLY B 87 -4.46 -2.83 -2.37
N ALA B 88 -4.90 -2.66 -1.11
CA ALA B 88 -6.06 -3.42 -0.67
C ALA B 88 -7.27 -3.19 -1.57
N SER B 89 -7.53 -1.93 -1.93
CA SER B 89 -8.73 -1.63 -2.71
C SER B 89 -8.67 -2.30 -4.08
N TYR B 90 -7.48 -2.32 -4.68
CA TYR B 90 -7.31 -2.98 -5.98
C TYR B 90 -7.68 -4.45 -5.90
N ILE B 91 -7.18 -5.17 -4.90
CA ILE B 91 -7.50 -6.61 -4.80
C ILE B 91 -8.96 -6.81 -4.44
N LEU B 92 -9.54 -5.91 -3.63
CA LEU B 92 -10.96 -6.02 -3.32
C LEU B 92 -11.84 -5.73 -4.53
N GLY B 93 -11.27 -5.28 -5.64
CA GLY B 93 -12.08 -5.02 -6.81
C GLY B 93 -12.70 -3.64 -6.88
N LYS B 94 -12.29 -2.71 -6.02
CA LYS B 94 -12.82 -1.35 -6.07
C LYS B 94 -12.09 -0.59 -7.17
N PRO B 95 -12.80 0.11 -8.05
CA PRO B 95 -12.13 1.07 -8.94
C PRO B 95 -11.31 2.04 -8.10
N VAL B 96 -10.04 2.17 -8.45
CA VAL B 96 -9.15 3.08 -7.73
C VAL B 96 -8.98 4.35 -8.53
N MET B 97 -9.22 5.48 -7.88
CA MET B 97 -9.01 6.78 -8.48
C MET B 97 -7.95 7.50 -7.68
N LEU B 98 -7.16 8.33 -8.38
CA LEU B 98 -6.08 9.02 -7.74
C LEU B 98 -6.06 10.47 -8.20
N PHE B 99 -5.99 11.39 -7.24
CA PHE B 99 -5.73 12.80 -7.51
C PHE B 99 -4.34 13.13 -7.01
N SER B 100 -3.50 13.68 -7.88
CA SER B 100 -2.14 14.05 -7.50
C SER B 100 -2.00 15.56 -7.63
N PRO B 101 -1.72 16.29 -6.56
CA PRO B 101 -1.58 17.74 -6.65
C PRO B 101 -0.25 18.17 -7.26
N THR B 102 0.81 17.42 -6.95
CA THR B 102 2.13 17.75 -7.49
C THR B 102 2.26 17.37 -8.97
N GLY B 103 1.44 16.45 -9.46
CA GLY B 103 1.56 16.00 -10.83
C GLY B 103 2.90 15.37 -11.14
N GLU B 104 3.50 14.69 -10.17
CA GLU B 104 4.86 14.16 -10.30
C GLU B 104 4.84 12.78 -10.93
N ILE B 105 5.72 11.89 -10.46
CA ILE B 105 5.85 10.52 -10.93
C ILE B 105 5.55 9.63 -9.73
N ILE B 106 4.54 8.80 -9.86
CA ILE B 106 4.13 7.91 -8.78
C ILE B 106 4.56 6.49 -9.12
N ASN B 107 4.78 5.70 -8.08
CA ASN B 107 5.27 4.34 -8.19
C ASN B 107 4.44 3.54 -9.20
N LEU B 108 5.11 2.62 -9.91
CA LEU B 108 4.48 1.77 -10.92
C LEU B 108 3.25 1.03 -10.39
N MET B 109 3.36 0.43 -9.20
CA MET B 109 2.25 -0.41 -8.73
C MET B 109 0.98 0.41 -8.53
N ILE B 110 1.12 1.69 -8.15
CA ILE B 110 -0.05 2.52 -7.95
C ILE B 110 -0.64 2.96 -9.28
N THR B 111 0.19 3.53 -10.16
CA THR B 111 -0.31 4.06 -11.42
C THR B 111 -0.92 2.97 -12.29
N ASP B 112 -0.28 1.79 -12.34
CA ASP B 112 -0.81 0.71 -13.15
C ASP B 112 -2.12 0.15 -12.60
N SER B 113 -2.41 0.40 -11.32
CA SER B 113 -3.62 -0.15 -10.73
C SER B 113 -4.80 0.81 -10.79
N LEU B 114 -4.57 2.08 -11.10
CA LEU B 114 -5.63 3.06 -11.09
C LEU B 114 -6.60 2.83 -12.24
N HIS B 115 -7.86 3.18 -12.01
CA HIS B 115 -8.83 3.27 -13.08
C HIS B 115 -8.98 4.69 -13.63
N ALA B 116 -8.83 5.70 -12.78
CA ALA B 116 -8.96 7.08 -13.21
C ALA B 116 -7.95 7.93 -12.45
N TYR B 117 -7.26 8.80 -13.18
CA TYR B 117 -6.22 9.65 -12.64
C TYR B 117 -6.55 11.11 -12.94
N PHE B 118 -6.40 11.98 -11.95
CA PHE B 118 -6.77 13.38 -12.09
C PHE B 118 -5.66 14.28 -11.54
N GLU B 119 -5.53 15.46 -12.16
CA GLU B 119 -4.63 16.47 -11.64
C GLU B 119 -5.32 17.82 -11.46
N ASP B 120 -6.61 17.91 -11.72
CA ASP B 120 -7.37 19.14 -11.58
C ASP B 120 -8.79 18.76 -11.15
N TRP B 121 -9.36 19.55 -10.24
CA TRP B 121 -10.67 19.18 -9.69
C TRP B 121 -11.79 19.35 -10.71
N ASN B 122 -11.61 20.23 -11.69
CA ASN B 122 -12.62 20.38 -12.74
C ASN B 122 -12.83 19.08 -13.51
N ASP B 123 -11.77 18.27 -13.68
CA ASP B 123 -11.92 16.99 -14.35
C ASP B 123 -12.69 15.99 -13.49
N VAL B 124 -12.45 15.99 -12.18
CA VAL B 124 -13.27 15.15 -11.30
C VAL B 124 -14.73 15.59 -11.36
N GLU B 125 -14.97 16.89 -11.42
CA GLU B 125 -16.32 17.42 -11.45
C GLU B 125 -17.07 17.09 -12.74
N ASN B 126 -16.35 16.75 -13.82
CA ASN B 126 -16.99 16.38 -15.09
C ASN B 126 -16.85 14.90 -15.42
N TYR B 127 -16.36 14.09 -14.50
CA TYR B 127 -16.17 12.66 -14.74
C TYR B 127 -17.49 11.93 -14.55
N ASP B 128 -17.74 10.93 -15.41
CA ASP B 128 -19.01 10.20 -15.39
C ASP B 128 -18.87 9.03 -14.43
N PHE B 129 -19.23 9.25 -13.17
CA PHE B 129 -19.16 8.20 -12.18
C PHE B 129 -20.12 7.05 -12.50
N ALA B 130 -21.19 7.31 -13.26
CA ALA B 130 -22.14 6.26 -13.58
C ALA B 130 -21.52 5.22 -14.50
N THR B 131 -20.94 5.66 -15.62
CA THR B 131 -20.31 4.74 -16.58
C THR B 131 -18.86 4.45 -16.25
N LEU B 132 -18.22 5.28 -15.42
CA LEU B 132 -16.87 5.01 -14.92
C LEU B 132 -15.88 4.75 -16.06
N PRO B 133 -15.70 5.72 -16.97
CA PRO B 133 -14.75 5.49 -18.07
C PRO B 133 -13.33 5.41 -17.54
N ILE B 134 -12.50 4.66 -18.26
CA ILE B 134 -11.10 4.55 -17.89
C ILE B 134 -10.38 5.84 -18.26
N LYS B 135 -9.55 6.33 -17.34
CA LYS B 135 -8.70 7.51 -17.58
C LYS B 135 -7.32 7.23 -17.04
N PRO B 136 -6.51 6.54 -17.81
CA PRO B 136 -5.30 5.93 -17.26
C PRO B 136 -4.18 6.97 -17.10
N TYR B 137 -3.25 6.63 -16.23
CA TYR B 137 -2.04 7.41 -16.06
C TYR B 137 -1.10 7.09 -17.21
N LEU B 138 -0.68 8.12 -17.94
CA LEU B 138 0.24 7.95 -19.06
C LEU B 138 1.08 9.20 -19.32
#